data_4WP7
#
_entry.id   4WP7
#
_cell.length_a   109.054
_cell.length_b   109.054
_cell.length_c   83.225
_cell.angle_alpha   90.00
_cell.angle_beta   90.00
_cell.angle_gamma   90.00
#
_symmetry.space_group_name_H-M   'P 4 2 2'
#
loop_
_entity.id
_entity.type
_entity.pdbx_description
1 polymer 'Retinal dehydrogenase 1'
2 non-polymer 'YTTERBIUM (III) ION'
3 non-polymer 8-{[4-(furan-2-ylcarbonyl)piperazin-1-yl]methyl}-1,3-dimethyl-7-(3-methylbutyl)-3,7-dihydro-1H-purine-2,6-dione
4 non-polymer 'CHLORIDE ION'
5 water water
#
_entity_poly.entity_id   1
_entity_poly.type   'polypeptide(L)'
_entity_poly.pdbx_seq_one_letter_code
;MSSSGTPDLPVLLTDLKIQYTKIFINNEWHDSVSGKKFPVFNPATEEELCQVEEGDKEDVDKAVKAARQAFQIGSPWRTM
DASERGRLLYKLADLIERDRLLLATMESMNGGKLYSNAYLSDLAGCIKTLRYCAGWADKIQGRTIPIDGNFFTYTRHEPI
GVCGQIIPWNFPLVMLIWKIGPALSCGNTVVVKPAEQTPLTALHVASLIKEAGFPPGVVNIVPGYGPTAGAAISSHMDID
KVAFTGSTEVGKLIKEAAGKSNLKRVTLELGGKSPCIVLADADLDNAVEFAHHGVFYHQGQCCIAASRIFVEESIYDEFV
RRSVERAKKYILGNPLTPGVTQGPQIDKEQYDKILDLIESGKKEGAKLECGGGPWGNKGYFVQPTVFSNVTDEMRIAKEE
IFGPVQQIMKFKSLDDVIKRANNTFYGLSAGVFTKDIDKAITISSALQAGTVWVNCYGVVSAQCPFGGFKMSGNGRELGE
YGFHEYTEVKTVTVKISQKNS
;
_entity_poly.pdbx_strand_id   A
#
loop_
_chem_comp.id
_chem_comp.type
_chem_comp.name
_chem_comp.formula
3SR non-polymer 8-{[4-(furan-2-ylcarbonyl)piperazin-1-yl]methyl}-1,3-dimethyl-7-(3-methylbutyl)-3,7-dihydro-1H-purine-2,6-dione 'C22 H30 N6 O4'
CL non-polymer 'CHLORIDE ION' 'Cl -1'
YB non-polymer 'YTTERBIUM (III) ION' 'Yb 3'
#
# COMPACT_ATOMS: atom_id res chain seq x y z
N ASP A 8 18.24 17.68 3.95
CA ASP A 8 18.02 18.28 5.31
C ASP A 8 17.00 17.43 6.08
N LEU A 9 17.42 16.91 7.24
CA LEU A 9 16.54 16.08 8.07
C LEU A 9 16.26 16.74 9.41
N PRO A 10 15.29 17.67 9.46
CA PRO A 10 14.86 18.25 10.73
C PRO A 10 14.11 17.23 11.57
N VAL A 11 14.04 17.49 12.88
CA VAL A 11 13.40 16.57 13.82
CA VAL A 11 13.44 16.58 13.84
C VAL A 11 12.49 17.33 14.78
N LEU A 12 11.62 16.58 15.45
CA LEU A 12 10.70 17.11 16.44
C LEU A 12 11.47 17.51 17.71
N LEU A 13 11.16 18.68 18.25
CA LEU A 13 11.92 19.26 19.36
C LEU A 13 11.40 18.88 20.76
N THR A 14 10.21 18.29 20.82
CA THR A 14 9.63 17.84 22.09
C THR A 14 9.20 16.39 21.94
N ASP A 15 9.16 15.66 23.05
CA ASP A 15 8.66 14.28 23.03
C ASP A 15 7.26 14.23 22.41
N LEU A 16 6.99 13.17 21.66
CA LEU A 16 5.69 12.96 21.08
C LEU A 16 4.69 12.58 22.17
N LYS A 17 3.57 13.29 22.23
CA LYS A 17 2.47 12.90 23.11
C LYS A 17 1.34 12.38 22.23
N ILE A 18 0.76 11.24 22.59
CA ILE A 18 -0.34 10.67 21.84
C ILE A 18 -1.65 11.28 22.35
N GLN A 19 -2.44 11.81 21.43
CA GLN A 19 -3.69 12.51 21.76
C GLN A 19 -4.92 11.76 21.25
N TYR A 20 -4.91 11.40 19.98
CA TYR A 20 -6.08 10.83 19.32
C TYR A 20 -6.06 9.31 19.36
N THR A 21 -6.97 8.74 20.16
CA THR A 21 -7.03 7.32 20.39
C THR A 21 -8.44 6.74 20.28
N LYS A 22 -9.39 7.52 19.78
CA LYS A 22 -10.77 7.07 19.75
C LYS A 22 -11.28 6.83 18.32
N ILE A 23 -12.44 6.21 18.23
CA ILE A 23 -13.15 5.99 16.97
C ILE A 23 -13.67 7.33 16.42
N PHE A 24 -13.52 7.58 15.11
CA PHE A 24 -13.88 8.87 14.50
C PHE A 24 -15.07 8.65 13.58
N ILE A 25 -16.24 9.15 14.00
CA ILE A 25 -17.49 9.02 13.22
C ILE A 25 -18.24 10.35 13.25
N ASN A 26 -18.68 10.83 12.09
CA ASN A 26 -19.35 12.13 11.96
C ASN A 26 -18.54 13.30 12.55
N ASN A 27 -17.22 13.29 12.32
CA ASN A 27 -16.30 14.33 12.86
C ASN A 27 -16.31 14.49 14.41
N GLU A 28 -16.59 13.41 15.11
CA GLU A 28 -16.50 13.41 16.57
C GLU A 28 -15.81 12.13 17.03
N TRP A 29 -15.33 12.17 18.27
CA TRP A 29 -14.61 11.05 18.85
C TRP A 29 -15.55 10.20 19.70
N HIS A 30 -15.56 8.89 19.45
CA HIS A 30 -16.48 7.95 20.08
C HIS A 30 -15.71 6.86 20.83
N ASP A 31 -16.25 6.47 21.98
CA ASP A 31 -15.79 5.24 22.61
C ASP A 31 -16.39 4.09 21.83
N SER A 32 -15.79 2.92 21.96
CA SER A 32 -16.34 1.69 21.39
C SER A 32 -17.66 1.36 22.07
N VAL A 33 -18.61 0.80 21.32
CA VAL A 33 -19.88 0.34 21.89
C VAL A 33 -19.64 -0.64 23.03
N SER A 34 -18.62 -1.49 22.87
CA SER A 34 -18.20 -2.45 23.89
C SER A 34 -17.64 -1.76 25.15
N GLY A 35 -16.94 -0.65 24.94
CA GLY A 35 -16.14 -0.01 25.98
C GLY A 35 -14.75 -0.61 26.02
N LYS A 36 -14.50 -1.63 25.19
CA LYS A 36 -13.20 -2.29 25.09
C LYS A 36 -12.16 -1.41 24.41
N LYS A 37 -10.91 -1.61 24.81
CA LYS A 37 -9.76 -0.99 24.15
C LYS A 37 -8.71 -2.06 23.89
N PHE A 38 -7.77 -1.76 22.98
CA PHE A 38 -6.66 -2.65 22.68
C PHE A 38 -5.32 -1.92 22.69
N PRO A 39 -4.23 -2.64 23.02
CA PRO A 39 -2.93 -1.99 23.13
C PRO A 39 -2.24 -1.77 21.78
N VAL A 40 -1.46 -0.70 21.70
CA VAL A 40 -0.64 -0.41 20.53
C VAL A 40 0.81 -0.42 20.99
N PHE A 41 1.64 -1.19 20.30
CA PHE A 41 3.02 -1.40 20.70
C PHE A 41 4.00 -0.73 19.77
N ASN A 42 5.19 -0.45 20.30
CA ASN A 42 6.33 -0.04 19.50
C ASN A 42 7.16 -1.29 19.18
N PRO A 43 7.36 -1.61 17.88
CA PRO A 43 8.07 -2.85 17.52
C PRO A 43 9.58 -2.87 17.77
N ALA A 44 10.19 -1.71 18.01
CA ALA A 44 11.62 -1.61 18.28
C ALA A 44 11.93 -1.89 19.75
N THR A 45 10.99 -1.57 20.63
CA THR A 45 11.17 -1.76 22.07
C THR A 45 10.29 -2.85 22.69
N GLU A 46 9.22 -3.22 21.97
CA GLU A 46 8.18 -4.13 22.45
C GLU A 46 7.35 -3.52 23.57
N GLU A 47 7.44 -2.20 23.73
CA GLU A 47 6.77 -1.49 24.80
C GLU A 47 5.40 -1.02 24.33
N GLU A 48 4.47 -0.88 25.26
CA GLU A 48 3.15 -0.34 24.95
C GLU A 48 3.29 1.17 24.81
N LEU A 49 2.68 1.71 23.75
CA LEU A 49 2.67 3.15 23.48
C LEU A 49 1.39 3.76 24.04
N CYS A 50 0.27 3.09 23.82
CA CYS A 50 -1.03 3.52 24.34
C CYS A 50 -2.11 2.46 24.12
N GLN A 51 -3.33 2.78 24.57
CA GLN A 51 -4.52 2.00 24.31
C GLN A 51 -5.39 2.80 23.36
N VAL A 52 -6.10 2.10 22.47
CA VAL A 52 -7.00 2.70 21.48
C VAL A 52 -8.34 1.98 21.53
N GLU A 53 -9.43 2.70 21.25
CA GLU A 53 -10.78 2.11 21.29
C GLU A 53 -10.89 0.99 20.25
N GLU A 54 -11.39 -0.17 20.67
CA GLU A 54 -11.54 -1.31 19.78
C GLU A 54 -12.89 -1.30 19.09
N GLY A 55 -12.88 -1.05 17.79
CA GLY A 55 -14.11 -1.07 17.00
C GLY A 55 -14.46 -2.48 16.61
N ASP A 56 -15.75 -2.75 16.55
CA ASP A 56 -16.27 -4.06 16.19
C ASP A 56 -17.43 -3.86 15.22
N LYS A 57 -18.18 -4.92 14.93
CA LYS A 57 -19.31 -4.84 14.00
C LYS A 57 -20.26 -3.72 14.38
N GLU A 58 -20.57 -3.63 15.67
CA GLU A 58 -21.48 -2.62 16.19
C GLU A 58 -20.99 -1.18 15.83
N ASP A 59 -19.68 -0.96 15.91
CA ASP A 59 -19.06 0.35 15.59
C ASP A 59 -18.94 0.62 14.10
N VAL A 60 -18.64 -0.43 13.33
CA VAL A 60 -18.66 -0.33 11.87
C VAL A 60 -20.06 0.07 11.39
N ASP A 61 -21.10 -0.45 12.05
CA ASP A 61 -22.47 -0.14 11.67
C ASP A 61 -22.78 1.35 11.84
N LYS A 62 -22.30 1.93 12.94
CA LYS A 62 -22.42 3.37 13.18
C LYS A 62 -21.68 4.19 12.12
N ALA A 63 -20.48 3.75 11.76
CA ALA A 63 -19.69 4.44 10.76
C ALA A 63 -20.33 4.36 9.36
N VAL A 64 -20.85 3.18 8.99
CA VAL A 64 -21.54 3.03 7.72
C VAL A 64 -22.80 3.89 7.66
N LYS A 65 -23.58 3.91 8.74
CA LYS A 65 -24.76 4.79 8.77
C LYS A 65 -24.37 6.26 8.56
N ALA A 66 -23.26 6.67 9.16
CA ALA A 66 -22.78 8.06 9.02
C ALA A 66 -22.35 8.35 7.58
N ALA A 67 -21.63 7.40 6.99
CA ALA A 67 -21.17 7.54 5.61
C ALA A 67 -22.34 7.49 4.63
N ARG A 68 -23.33 6.64 4.90
CA ARG A 68 -24.53 6.61 4.06
C ARG A 68 -25.27 7.92 4.11
N GLN A 69 -25.41 8.48 5.30
CA GLN A 69 -26.12 9.75 5.44
C GLN A 69 -25.38 10.90 4.75
N ALA A 70 -24.06 10.93 4.87
CA ALA A 70 -23.27 11.95 4.17
C ALA A 70 -23.28 11.81 2.65
N PHE A 71 -23.65 10.63 2.15
CA PHE A 71 -23.72 10.39 0.72
C PHE A 71 -25.12 10.66 0.14
N GLN A 72 -26.11 10.99 0.96
CA GLN A 72 -27.47 11.12 0.42
C GLN A 72 -27.56 12.28 -0.58
N ILE A 73 -28.36 12.09 -1.62
CA ILE A 73 -28.69 13.18 -2.53
C ILE A 73 -29.14 14.41 -1.74
N GLY A 74 -28.61 15.56 -2.11
CA GLY A 74 -28.91 16.83 -1.45
C GLY A 74 -28.01 17.17 -0.28
N SER A 75 -27.14 16.23 0.12
CA SER A 75 -26.21 16.50 1.22
C SER A 75 -25.11 17.47 0.80
N PRO A 76 -24.44 18.09 1.79
CA PRO A 76 -23.32 18.96 1.48
C PRO A 76 -22.21 18.33 0.62
N TRP A 77 -21.80 17.08 0.92
CA TRP A 77 -20.78 16.40 0.12
C TRP A 77 -21.23 16.07 -1.30
N ARG A 78 -22.51 15.82 -1.51
CA ARG A 78 -23.01 15.54 -2.85
C ARG A 78 -23.23 16.79 -3.69
N THR A 79 -23.60 17.88 -3.03
CA THR A 79 -23.98 19.10 -3.75
C THR A 79 -22.84 20.10 -3.92
N MET A 80 -21.76 19.98 -3.15
CA MET A 80 -20.68 20.94 -3.28
C MET A 80 -20.00 20.79 -4.64
N ASP A 81 -19.40 21.88 -5.09
CA ASP A 81 -18.71 21.85 -6.38
C ASP A 81 -17.59 20.83 -6.31
N ALA A 82 -17.38 20.11 -7.41
CA ALA A 82 -16.23 19.21 -7.50
C ALA A 82 -14.94 19.94 -7.15
N SER A 83 -14.79 21.17 -7.63
CA SER A 83 -13.59 21.95 -7.35
C SER A 83 -13.41 22.18 -5.83
N GLU A 84 -14.51 22.23 -5.10
CA GLU A 84 -14.45 22.37 -3.65
C GLU A 84 -14.04 21.07 -2.95
N ARG A 85 -14.43 19.90 -3.46
CA ARG A 85 -13.83 18.65 -2.96
C ARG A 85 -12.32 18.72 -3.13
N GLY A 86 -11.88 19.22 -4.29
CA GLY A 86 -10.46 19.37 -4.56
C GLY A 86 -9.76 20.30 -3.57
N ARG A 87 -10.40 21.44 -3.34
CA ARG A 87 -9.91 22.40 -2.35
C ARG A 87 -9.72 21.78 -0.96
N LEU A 88 -10.68 20.97 -0.52
CA LEU A 88 -10.58 20.33 0.80
C LEU A 88 -9.42 19.37 0.88
N LEU A 89 -9.20 18.64 -0.20
CA LEU A 89 -8.07 17.73 -0.28
C LEU A 89 -6.72 18.48 -0.31
N TYR A 90 -6.63 19.62 -1.01
N TYR A 90 -6.66 19.61 -1.04
CA TYR A 90 -5.39 20.40 -1.02
CA TYR A 90 -5.46 20.45 -1.06
C TYR A 90 -5.15 21.00 0.37
C TYR A 90 -5.18 20.96 0.36
N LYS A 91 -6.23 21.42 1.03
CA LYS A 91 -6.13 21.90 2.41
C LYS A 91 -5.61 20.81 3.33
N LEU A 92 -6.11 19.59 3.15
CA LEU A 92 -5.67 18.48 3.99
C LEU A 92 -4.19 18.19 3.78
N ALA A 93 -3.72 18.26 2.55
CA ALA A 93 -2.29 18.11 2.27
C ALA A 93 -1.43 19.20 2.95
N ASP A 94 -1.93 20.45 2.93
CA ASP A 94 -1.24 21.55 3.63
C ASP A 94 -1.15 21.27 5.12
N LEU A 95 -2.20 20.71 5.69
CA LEU A 95 -2.23 20.42 7.13
C LEU A 95 -1.27 19.27 7.51
N ILE A 96 -1.22 18.26 6.66
CA ILE A 96 -0.29 17.17 6.85
C ILE A 96 1.15 17.70 6.72
N GLU A 97 1.37 18.58 5.76
CA GLU A 97 2.67 19.25 5.62
C GLU A 97 3.00 20.01 6.90
N ARG A 98 2.04 20.75 7.44
CA ARG A 98 2.24 21.46 8.72
C ARG A 98 2.64 20.49 9.84
N ASP A 99 1.96 19.35 9.92
CA ASP A 99 2.24 18.37 10.98
C ASP A 99 3.23 17.29 10.54
N ARG A 100 4.09 17.59 9.58
CA ARG A 100 5.00 16.60 9.00
C ARG A 100 5.95 15.99 10.04
N LEU A 101 6.50 16.82 10.93
CA LEU A 101 7.45 16.32 11.92
C LEU A 101 6.77 15.36 12.87
N LEU A 102 5.60 15.73 13.39
CA LEU A 102 4.94 14.82 14.33
C LEU A 102 4.41 13.56 13.65
N LEU A 103 3.89 13.68 12.44
CA LEU A 103 3.40 12.49 11.75
C LEU A 103 4.51 11.49 11.43
N ALA A 104 5.65 11.99 10.97
CA ALA A 104 6.77 11.13 10.63
C ALA A 104 7.34 10.45 11.88
N THR A 105 7.30 11.16 13.01
CA THR A 105 7.83 10.61 14.26
C THR A 105 6.90 9.49 14.72
N MET A 106 5.60 9.79 14.68
CA MET A 106 4.56 8.84 15.08
C MET A 106 4.65 7.59 14.21
N GLU A 107 4.77 7.80 12.89
CA GLU A 107 4.90 6.70 11.94
C GLU A 107 6.11 5.84 12.26
N SER A 108 7.24 6.49 12.51
CA SER A 108 8.48 5.79 12.83
C SER A 108 8.35 5.01 14.15
N MET A 109 7.76 5.64 15.15
CA MET A 109 7.62 5.03 16.48
C MET A 109 6.62 3.87 16.51
N ASN A 110 5.48 4.04 15.84
CA ASN A 110 4.43 3.01 15.84
C ASN A 110 4.74 1.90 14.83
N GLY A 111 5.29 2.29 13.69
CA GLY A 111 5.47 1.38 12.55
C GLY A 111 6.84 0.74 12.41
N GLY A 112 7.77 1.09 13.29
CA GLY A 112 9.15 0.61 13.20
C GLY A 112 9.87 1.06 11.93
N LYS A 113 9.52 2.25 11.45
CA LYS A 113 9.98 2.71 10.16
C LYS A 113 11.08 3.73 10.35
N LEU A 114 12.17 3.60 9.60
CA LEU A 114 13.30 4.54 9.71
C LEU A 114 12.77 5.97 9.57
N TYR A 115 13.16 6.82 10.50
CA TYR A 115 12.63 8.18 10.55
C TYR A 115 12.99 8.99 9.29
N SER A 116 14.21 8.81 8.76
CA SER A 116 14.61 9.52 7.55
C SER A 116 13.68 9.19 6.40
N ASN A 117 13.37 7.90 6.23
CA ASN A 117 12.43 7.47 5.21
C ASN A 117 11.02 7.97 5.54
N ALA A 118 10.60 7.86 6.81
CA ALA A 118 9.28 8.33 7.23
C ALA A 118 9.07 9.79 6.85
N TYR A 119 10.08 10.60 7.15
CA TYR A 119 10.03 12.05 6.92
C TYR A 119 10.22 12.40 5.44
N LEU A 120 11.24 11.84 4.81
CA LEU A 120 11.64 12.26 3.46
C LEU A 120 10.87 11.56 2.34
N SER A 121 10.37 10.36 2.59
CA SER A 121 9.68 9.57 1.58
CA SER A 121 9.69 9.56 1.59
C SER A 121 8.21 9.41 1.89
N ASP A 122 7.87 8.76 3.00
CA ASP A 122 6.46 8.50 3.31
C ASP A 122 5.67 9.80 3.38
N LEU A 123 6.14 10.76 4.19
CA LEU A 123 5.36 12.01 4.32
C LEU A 123 5.31 12.81 3.02
N ALA A 124 6.43 12.90 2.30
CA ALA A 124 6.46 13.56 0.99
C ALA A 124 5.47 12.93 0.02
N GLY A 125 5.43 11.59 0.02
CA GLY A 125 4.51 10.83 -0.81
C GLY A 125 3.05 11.04 -0.46
N CYS A 126 2.73 11.08 0.83
CA CYS A 126 1.37 11.42 1.28
C CYS A 126 0.92 12.77 0.76
N ILE A 127 1.78 13.77 0.91
CA ILE A 127 1.46 15.15 0.54
C ILE A 127 1.32 15.26 -0.98
N LYS A 128 2.29 14.71 -1.71
CA LYS A 128 2.24 14.73 -3.17
C LYS A 128 1.03 13.99 -3.73
N THR A 129 0.71 12.82 -3.16
CA THR A 129 -0.43 12.03 -3.62
C THR A 129 -1.75 12.74 -3.36
N LEU A 130 -1.91 13.30 -2.16
CA LEU A 130 -3.08 14.11 -1.88
C LEU A 130 -3.22 15.28 -2.85
N ARG A 131 -2.12 15.98 -3.13
CA ARG A 131 -2.21 17.09 -4.08
C ARG A 131 -2.58 16.63 -5.49
N TYR A 132 -2.03 15.48 -5.90
CA TYR A 132 -2.36 14.93 -7.20
C TYR A 132 -3.85 14.63 -7.28
N CYS A 133 -4.36 13.93 -6.29
CA CYS A 133 -5.79 13.58 -6.23
C CYS A 133 -6.70 14.80 -6.18
N ALA A 134 -6.27 15.82 -5.45
CA ALA A 134 -7.05 17.05 -5.38
C ALA A 134 -7.26 17.63 -6.79
N GLY A 135 -6.25 17.54 -7.64
CA GLY A 135 -6.34 18.05 -9.00
C GLY A 135 -7.31 17.31 -9.90
N TRP A 136 -7.59 16.04 -9.61
CA TRP A 136 -8.54 15.27 -10.39
C TRP A 136 -9.99 15.58 -10.11
N ALA A 137 -10.31 16.18 -8.95
CA ALA A 137 -11.69 16.22 -8.50
C ALA A 137 -12.69 16.81 -9.52
N ASP A 138 -12.32 17.92 -10.12
CA ASP A 138 -13.20 18.57 -11.10
C ASP A 138 -12.82 18.27 -12.53
N LYS A 139 -12.09 17.18 -12.71
CA LYS A 139 -11.68 16.70 -14.03
C LYS A 139 -12.16 15.28 -14.31
N ILE A 140 -13.01 14.75 -13.42
CA ILE A 140 -13.67 13.47 -13.61
C ILE A 140 -14.88 13.79 -14.48
N GLN A 141 -14.90 13.24 -15.69
CA GLN A 141 -15.92 13.56 -16.69
C GLN A 141 -16.52 12.31 -17.28
N GLY A 142 -17.81 12.38 -17.60
CA GLY A 142 -18.45 11.36 -18.43
C GLY A 142 -18.40 11.73 -19.91
N ARG A 143 -19.34 11.20 -20.68
CA ARG A 143 -19.31 11.31 -22.13
C ARG A 143 -20.67 11.68 -22.69
N THR A 144 -20.66 12.22 -23.89
CA THR A 144 -21.86 12.31 -24.70
C THR A 144 -21.61 11.38 -25.88
N ILE A 145 -22.60 10.59 -26.21
CA ILE A 145 -22.42 9.42 -27.04
C ILE A 145 -23.39 9.43 -28.21
N PRO A 146 -22.88 9.23 -29.44
CA PRO A 146 -23.71 9.25 -30.64
C PRO A 146 -24.42 7.90 -30.86
N ILE A 147 -25.31 7.57 -29.93
CA ILE A 147 -26.12 6.36 -30.00
C ILE A 147 -26.95 6.28 -31.30
N ASP A 148 -27.20 5.06 -31.76
CA ASP A 148 -28.16 4.82 -32.84
C ASP A 148 -29.53 5.32 -32.42
N GLY A 149 -30.28 5.87 -33.38
CA GLY A 149 -31.65 6.32 -33.17
C GLY A 149 -31.74 7.75 -32.66
N ASN A 150 -32.96 8.25 -32.54
CA ASN A 150 -33.21 9.64 -32.14
C ASN A 150 -33.26 9.82 -30.63
N PHE A 151 -32.07 9.88 -30.07
CA PHE A 151 -31.86 9.96 -28.64
C PHE A 151 -30.67 10.84 -28.38
N PHE A 152 -30.69 11.48 -27.20
CA PHE A 152 -29.53 12.15 -26.62
C PHE A 152 -29.06 11.27 -25.45
N THR A 153 -27.82 10.80 -25.53
CA THR A 153 -27.27 9.90 -24.52
C THR A 153 -26.00 10.49 -23.94
N TYR A 154 -25.96 10.52 -22.61
CA TYR A 154 -24.78 10.95 -21.90
C TYR A 154 -24.52 10.03 -20.74
N THR A 155 -23.29 10.08 -20.23
CA THR A 155 -22.98 9.32 -19.04
C THR A 155 -22.52 10.22 -17.92
N ARG A 156 -22.83 9.81 -16.70
CA ARG A 156 -22.35 10.44 -15.49
C ARG A 156 -21.38 9.47 -14.84
N HIS A 157 -20.19 9.93 -14.51
CA HIS A 157 -19.26 9.13 -13.71
C HIS A 157 -19.46 9.55 -12.25
N GLU A 158 -20.46 8.93 -11.62
CA GLU A 158 -20.85 9.23 -10.27
C GLU A 158 -19.90 8.57 -9.28
N PRO A 159 -19.82 9.10 -8.05
CA PRO A 159 -19.19 8.31 -6.97
C PRO A 159 -20.01 7.04 -6.72
N ILE A 160 -19.37 5.99 -6.21
CA ILE A 160 -20.04 4.70 -5.99
C ILE A 160 -20.91 4.81 -4.73
N GLY A 161 -20.36 5.40 -3.69
CA GLY A 161 -21.07 5.54 -2.45
C GLY A 161 -20.16 5.31 -1.26
N VAL A 162 -20.60 4.44 -0.37
CA VAL A 162 -19.85 4.19 0.84
C VAL A 162 -18.78 3.15 0.53
N CYS A 163 -17.52 3.54 0.72
CA CYS A 163 -16.37 2.70 0.44
C CYS A 163 -15.68 2.28 1.75
N GLY A 164 -15.61 0.98 1.98
CA GLY A 164 -14.85 0.41 3.09
C GLY A 164 -13.41 0.24 2.68
N GLN A 165 -12.48 0.73 3.49
CA GLN A 165 -11.08 0.77 3.10
C GLN A 165 -10.24 0.23 4.23
N ILE A 166 -9.57 -0.91 3.97
CA ILE A 166 -8.79 -1.61 4.97
C ILE A 166 -7.30 -1.40 4.64
N ILE A 167 -6.59 -0.77 5.57
CA ILE A 167 -5.25 -0.22 5.34
C ILE A 167 -4.22 -1.13 6.02
N PRO A 168 -3.08 -1.40 5.35
CA PRO A 168 -2.06 -2.24 5.94
C PRO A 168 -1.15 -1.53 6.94
N TRP A 169 -0.34 -2.31 7.66
CA TRP A 169 0.57 -1.77 8.67
C TRP A 169 1.93 -1.33 8.12
N ASN A 170 2.28 -1.74 6.91
CA ASN A 170 3.62 -1.44 6.39
C ASN A 170 3.83 0.01 5.96
N PHE A 171 2.81 0.61 5.35
CA PHE A 171 2.85 2.03 4.98
C PHE A 171 1.52 2.66 5.41
N PRO A 172 1.33 2.84 6.72
CA PRO A 172 0.01 3.24 7.24
C PRO A 172 -0.52 4.56 6.67
N LEU A 173 0.33 5.59 6.64
CA LEU A 173 -0.08 6.92 6.21
C LEU A 173 -0.16 7.01 4.68
N VAL A 174 0.84 6.48 4.00
CA VAL A 174 0.86 6.47 2.53
C VAL A 174 -0.36 5.74 2.00
N MET A 175 -0.64 4.56 2.55
CA MET A 175 -1.75 3.73 2.08
C MET A 175 -3.10 4.30 2.48
N LEU A 176 -3.17 4.98 3.63
CA LEU A 176 -4.39 5.71 4.00
C LEU A 176 -4.70 6.73 2.90
N ILE A 177 -3.70 7.52 2.52
CA ILE A 177 -3.88 8.56 1.48
C ILE A 177 -4.13 7.96 0.08
N TRP A 178 -3.47 6.85 -0.24
CA TRP A 178 -3.73 6.19 -1.54
C TRP A 178 -5.17 5.74 -1.66
N LYS A 179 -5.76 5.38 -0.54
CA LYS A 179 -7.17 5.01 -0.46
C LYS A 179 -8.09 6.22 -0.41
N ILE A 180 -7.91 7.11 0.57
CA ILE A 180 -8.90 8.17 0.74
C ILE A 180 -8.81 9.26 -0.33
N GLY A 181 -7.62 9.48 -0.88
CA GLY A 181 -7.40 10.56 -1.85
C GLY A 181 -8.30 10.39 -3.07
N PRO A 182 -8.16 9.29 -3.80
CA PRO A 182 -9.03 9.05 -4.95
C PRO A 182 -10.49 8.88 -4.59
N ALA A 183 -10.78 8.20 -3.49
CA ALA A 183 -12.18 7.97 -3.12
C ALA A 183 -12.90 9.30 -2.88
N LEU A 184 -12.26 10.20 -2.13
CA LEU A 184 -12.84 11.52 -1.84
C LEU A 184 -12.85 12.43 -3.05
N SER A 185 -11.78 12.40 -3.84
CA SER A 185 -11.73 13.20 -5.05
C SER A 185 -12.95 12.90 -5.93
N CYS A 186 -13.31 11.63 -6.02
CA CYS A 186 -14.44 11.18 -6.83
C CYS A 186 -15.80 11.40 -6.19
N GLY A 187 -15.82 11.76 -4.91
CA GLY A 187 -17.06 12.11 -4.21
C GLY A 187 -17.69 11.03 -3.35
N ASN A 188 -16.92 10.00 -3.05
CA ASN A 188 -17.37 8.93 -2.16
C ASN A 188 -17.26 9.35 -0.71
N THR A 189 -17.88 8.55 0.16
CA THR A 189 -17.66 8.64 1.58
C THR A 189 -16.99 7.35 2.00
N VAL A 190 -16.23 7.39 3.09
CA VAL A 190 -15.39 6.25 3.44
C VAL A 190 -15.52 5.83 4.91
N VAL A 191 -15.32 4.53 5.12
CA VAL A 191 -15.18 3.92 6.43
C VAL A 191 -13.84 3.21 6.36
N VAL A 192 -12.89 3.71 7.14
CA VAL A 192 -11.51 3.28 7.05
C VAL A 192 -11.18 2.42 8.27
N LYS A 193 -10.50 1.29 8.07
CA LYS A 193 -10.07 0.45 9.19
C LYS A 193 -8.57 0.33 9.10
N PRO A 194 -7.87 1.16 9.89
CA PRO A 194 -6.42 1.04 9.87
C PRO A 194 -5.98 -0.28 10.48
N ALA A 195 -4.73 -0.67 10.22
CA ALA A 195 -4.20 -1.90 10.77
C ALA A 195 -4.19 -1.86 12.30
N GLU A 196 -4.52 -2.98 12.92
CA GLU A 196 -4.49 -3.08 14.38
C GLU A 196 -3.13 -2.70 14.94
N GLN A 197 -2.06 -3.00 14.21
CA GLN A 197 -0.70 -2.67 14.65
C GLN A 197 -0.44 -1.15 14.60
N THR A 198 -1.07 -0.45 13.67
CA THR A 198 -0.71 0.93 13.37
C THR A 198 -1.92 1.85 13.14
N PRO A 199 -2.76 2.05 14.17
CA PRO A 199 -3.90 2.97 14.02
C PRO A 199 -3.60 4.46 14.22
N LEU A 200 -2.45 4.79 14.79
CA LEU A 200 -2.23 6.12 15.37
C LEU A 200 -2.16 7.26 14.36
N THR A 201 -1.41 7.07 13.27
CA THR A 201 -1.28 8.15 12.31
C THR A 201 -2.60 8.44 11.61
N ALA A 202 -3.42 7.41 11.40
CA ALA A 202 -4.74 7.59 10.79
C ALA A 202 -5.63 8.45 11.66
N LEU A 203 -5.59 8.21 12.97
CA LEU A 203 -6.41 9.00 13.89
C LEU A 203 -5.95 10.45 13.94
N HIS A 204 -4.66 10.70 13.84
CA HIS A 204 -4.21 12.08 13.75
C HIS A 204 -4.71 12.73 12.46
N VAL A 205 -4.63 12.00 11.33
CA VAL A 205 -5.13 12.52 10.07
C VAL A 205 -6.63 12.83 10.20
N ALA A 206 -7.38 11.99 10.94
CA ALA A 206 -8.80 12.26 11.15
C ALA A 206 -9.02 13.62 11.81
N SER A 207 -8.22 13.94 12.84
CA SER A 207 -8.26 15.29 13.45
C SER A 207 -8.06 16.38 12.40
N LEU A 208 -7.20 16.14 11.42
CA LEU A 208 -6.94 17.12 10.34
C LEU A 208 -8.05 17.17 9.29
N ILE A 209 -8.75 16.07 9.08
CA ILE A 209 -9.93 16.05 8.21
C ILE A 209 -11.02 16.95 8.80
N LYS A 210 -11.26 16.81 10.10
CA LYS A 210 -12.17 17.70 10.80
C LYS A 210 -11.73 19.17 10.68
N GLU A 211 -10.46 19.45 10.92
CA GLU A 211 -9.91 20.81 10.85
C GLU A 211 -10.02 21.43 9.45
N ALA A 212 -9.81 20.62 8.42
CA ALA A 212 -9.85 21.07 7.01
C ALA A 212 -11.25 21.48 6.58
N GLY A 213 -12.25 20.92 7.24
CA GLY A 213 -13.63 21.29 7.01
C GLY A 213 -14.46 20.32 6.22
N PHE A 214 -14.04 19.04 6.17
CA PHE A 214 -14.82 18.02 5.46
C PHE A 214 -16.17 17.88 6.17
N PRO A 215 -17.25 17.70 5.40
CA PRO A 215 -18.53 17.52 6.11
C PRO A 215 -18.53 16.26 6.97
N PRO A 216 -19.28 16.25 8.09
CA PRO A 216 -19.28 15.04 8.92
C PRO A 216 -19.79 13.80 8.19
N GLY A 217 -19.17 12.68 8.47
CA GLY A 217 -19.58 11.41 7.89
C GLY A 217 -18.90 11.12 6.57
N VAL A 218 -18.20 12.09 5.99
CA VAL A 218 -17.45 11.85 4.75
C VAL A 218 -16.27 10.90 4.96
N VAL A 219 -15.54 11.08 6.06
CA VAL A 219 -14.48 10.16 6.45
C VAL A 219 -14.72 9.69 7.87
N ASN A 220 -14.75 8.38 8.06
CA ASN A 220 -14.95 7.77 9.35
C ASN A 220 -13.84 6.74 9.55
N ILE A 221 -13.21 6.74 10.71
CA ILE A 221 -12.06 5.88 10.95
C ILE A 221 -12.34 5.01 12.17
N VAL A 222 -12.30 3.69 11.96
CA VAL A 222 -12.66 2.73 13.01
C VAL A 222 -11.48 1.81 13.24
N PRO A 223 -10.64 2.14 14.24
CA PRO A 223 -9.56 1.20 14.56
C PRO A 223 -10.14 -0.08 15.14
N GLY A 224 -9.42 -1.19 14.97
CA GLY A 224 -9.92 -2.49 15.36
C GLY A 224 -9.22 -3.62 14.63
N TYR A 225 -9.69 -4.84 14.90
CA TYR A 225 -9.06 -6.06 14.37
C TYR A 225 -9.65 -6.57 13.06
N GLY A 226 -8.84 -7.32 12.32
CA GLY A 226 -9.21 -7.83 11.00
C GLY A 226 -10.42 -8.75 11.05
N PRO A 227 -10.32 -9.84 11.83
CA PRO A 227 -11.43 -10.80 11.92
C PRO A 227 -12.74 -10.27 12.52
N THR A 228 -12.70 -9.08 13.11
CA THR A 228 -13.91 -8.46 13.67
C THR A 228 -14.33 -7.24 12.84
N ALA A 229 -13.60 -6.14 12.97
CA ALA A 229 -13.92 -4.91 12.24
C ALA A 229 -13.73 -5.06 10.72
N GLY A 230 -12.67 -5.75 10.30
CA GLY A 230 -12.40 -5.94 8.88
C GLY A 230 -13.43 -6.83 8.21
N ALA A 231 -13.80 -7.89 8.92
CA ALA A 231 -14.85 -8.81 8.46
C ALA A 231 -16.21 -8.13 8.43
N ALA A 232 -16.47 -7.25 9.40
CA ALA A 232 -17.71 -6.48 9.42
C ALA A 232 -17.81 -5.61 8.16
N ILE A 233 -16.72 -4.95 7.81
CA ILE A 233 -16.67 -4.12 6.59
C ILE A 233 -16.92 -4.96 5.33
N SER A 234 -16.18 -6.05 5.19
CA SER A 234 -16.24 -6.86 3.98
C SER A 234 -17.59 -7.55 3.77
N SER A 235 -18.28 -7.83 4.87
CA SER A 235 -19.59 -8.51 4.84
C SER A 235 -20.80 -7.56 4.96
N HIS A 236 -20.57 -6.25 5.06
CA HIS A 236 -21.66 -5.30 5.32
C HIS A 236 -22.62 -5.15 4.13
N MET A 237 -23.92 -5.19 4.43
CA MET A 237 -24.95 -5.12 3.38
C MET A 237 -25.18 -3.72 2.77
N ASP A 238 -24.60 -2.69 3.37
CA ASP A 238 -24.76 -1.32 2.87
C ASP A 238 -23.44 -0.60 2.55
N ILE A 239 -22.36 -1.37 2.40
CA ILE A 239 -21.10 -0.84 1.92
C ILE A 239 -21.03 -1.17 0.45
N ASP A 240 -20.81 -0.16 -0.38
CA ASP A 240 -20.86 -0.33 -1.83
C ASP A 240 -19.59 -0.93 -2.43
N LYS A 241 -18.45 -0.65 -1.80
CA LYS A 241 -17.16 -1.05 -2.33
C LYS A 241 -16.18 -1.26 -1.18
N VAL A 242 -15.32 -2.27 -1.30
CA VAL A 242 -14.25 -2.50 -0.32
C VAL A 242 -12.90 -2.45 -1.05
N ALA A 243 -11.96 -1.71 -0.47
CA ALA A 243 -10.57 -1.68 -0.95
C ALA A 243 -9.70 -2.23 0.15
N PHE A 244 -8.78 -3.10 -0.22
CA PHE A 244 -7.95 -3.80 0.75
C PHE A 244 -6.54 -3.95 0.18
N THR A 245 -5.56 -3.70 1.04
CA THR A 245 -4.16 -3.98 0.74
C THR A 245 -3.65 -4.85 1.87
N GLY A 246 -2.96 -5.94 1.52
CA GLY A 246 -2.45 -6.88 2.51
C GLY A 246 -2.16 -8.21 1.88
N SER A 247 -2.27 -9.28 2.66
CA SER A 247 -1.91 -10.61 2.18
C SER A 247 -2.92 -11.10 1.16
N THR A 248 -2.41 -11.84 0.17
CA THR A 248 -3.23 -12.57 -0.79
C THR A 248 -4.23 -13.50 -0.09
N GLU A 249 -3.82 -14.08 1.03
CA GLU A 249 -4.68 -14.97 1.82
C GLU A 249 -5.94 -14.28 2.33
N VAL A 250 -5.78 -13.09 2.89
CA VAL A 250 -6.91 -12.32 3.40
C VAL A 250 -7.69 -11.73 2.24
N GLY A 251 -6.99 -11.28 1.21
CA GLY A 251 -7.61 -10.87 -0.04
C GLY A 251 -8.66 -11.85 -0.55
N LYS A 252 -8.34 -13.13 -0.49
CA LYS A 252 -9.30 -14.17 -0.89
C LYS A 252 -10.56 -14.19 -0.01
N LEU A 253 -10.39 -13.97 1.29
CA LEU A 253 -11.52 -13.92 2.23
C LEU A 253 -12.41 -12.70 1.99
N ILE A 254 -11.79 -11.56 1.69
CA ILE A 254 -12.51 -10.34 1.38
C ILE A 254 -13.40 -10.57 0.14
N LYS A 255 -12.80 -11.09 -0.92
CA LYS A 255 -13.53 -11.30 -2.17
C LYS A 255 -14.69 -12.27 -2.01
N GLU A 256 -14.48 -13.32 -1.23
CA GLU A 256 -15.53 -14.28 -0.91
C GLU A 256 -16.69 -13.60 -0.16
N ALA A 257 -16.37 -12.88 0.91
CA ALA A 257 -17.36 -12.21 1.75
C ALA A 257 -18.19 -11.16 0.98
N ALA A 258 -17.54 -10.45 0.06
CA ALA A 258 -18.24 -9.51 -0.82
C ALA A 258 -19.27 -10.27 -1.67
N GLY A 259 -18.86 -11.41 -2.21
CA GLY A 259 -19.76 -12.27 -2.99
C GLY A 259 -20.94 -12.80 -2.19
N LYS A 260 -20.68 -13.28 -0.98
CA LYS A 260 -21.71 -13.87 -0.14
C LYS A 260 -22.71 -12.85 0.42
N SER A 261 -22.28 -11.59 0.54
CA SER A 261 -23.11 -10.56 1.17
C SER A 261 -23.95 -9.77 0.15
N ASN A 262 -23.37 -8.71 -0.43
CA ASN A 262 -24.14 -7.77 -1.24
C ASN A 262 -23.51 -7.44 -2.59
N LEU A 263 -22.61 -8.32 -3.04
CA LEU A 263 -21.87 -8.15 -4.28
C LEU A 263 -21.18 -6.80 -4.40
N LYS A 264 -20.69 -6.28 -3.28
CA LYS A 264 -19.98 -5.01 -3.30
C LYS A 264 -18.76 -5.09 -4.21
N ARG A 265 -18.39 -3.96 -4.80
CA ARG A 265 -17.20 -3.91 -5.66
C ARG A 265 -15.95 -4.15 -4.78
N VAL A 266 -14.94 -4.81 -5.35
CA VAL A 266 -13.73 -5.16 -4.61
C VAL A 266 -12.48 -4.76 -5.41
N THR A 267 -11.58 -4.03 -4.77
CA THR A 267 -10.23 -3.87 -5.32
C THR A 267 -9.24 -4.32 -4.26
N LEU A 268 -8.21 -4.99 -4.73
CA LEU A 268 -7.25 -5.65 -3.86
C LEU A 268 -5.83 -5.36 -4.35
N GLU A 269 -4.93 -4.99 -3.44
CA GLU A 269 -3.49 -4.94 -3.70
C GLU A 269 -2.87 -5.91 -2.73
N LEU A 270 -2.26 -6.98 -3.25
CA LEU A 270 -1.92 -8.08 -2.38
C LEU A 270 -0.43 -8.35 -2.43
N GLY A 271 -0.02 -9.56 -2.10
CA GLY A 271 1.41 -9.87 -2.09
C GLY A 271 2.10 -9.89 -3.46
N GLY A 272 3.40 -10.09 -3.41
CA GLY A 272 4.18 -10.32 -4.60
C GLY A 272 5.29 -11.33 -4.34
N LYS A 273 5.84 -11.83 -5.41
CA LYS A 273 7.13 -12.50 -5.39
C LYS A 273 7.84 -11.99 -6.63
N SER A 274 8.09 -10.69 -6.63
CA SER A 274 8.49 -9.98 -7.82
C SER A 274 9.91 -10.31 -8.27
N PRO A 275 10.09 -10.62 -9.56
CA PRO A 275 11.39 -10.99 -10.09
C PRO A 275 12.11 -9.83 -10.75
N CYS A 276 13.44 -9.90 -10.75
CA CYS A 276 14.27 -9.08 -11.59
C CYS A 276 15.05 -9.98 -12.53
N ILE A 277 15.29 -9.49 -13.74
CA ILE A 277 16.07 -10.20 -14.73
C ILE A 277 17.23 -9.29 -15.07
N VAL A 278 18.44 -9.75 -14.74
CA VAL A 278 19.64 -8.97 -15.00
C VAL A 278 20.43 -9.59 -16.13
N LEU A 279 20.41 -8.95 -17.30
CA LEU A 279 21.13 -9.45 -18.48
C LEU A 279 22.62 -9.17 -18.35
N ALA A 280 23.44 -9.96 -19.05
CA ALA A 280 24.90 -9.81 -19.01
C ALA A 280 25.36 -8.43 -19.43
N ASP A 281 24.60 -7.74 -20.28
CA ASP A 281 25.01 -6.41 -20.76
C ASP A 281 24.58 -5.26 -19.85
N ALA A 282 23.96 -5.57 -18.73
CA ALA A 282 23.45 -4.53 -17.82
C ALA A 282 24.56 -3.71 -17.19
N ASP A 283 24.25 -2.45 -16.86
CA ASP A 283 25.12 -1.67 -15.98
C ASP A 283 25.08 -2.38 -14.63
N LEU A 284 26.16 -3.09 -14.30
CA LEU A 284 26.13 -4.03 -13.16
C LEU A 284 25.92 -3.36 -11.81
N ASP A 285 26.66 -2.28 -11.56
CA ASP A 285 26.53 -1.54 -10.29
C ASP A 285 25.13 -0.96 -10.10
N ASN A 286 24.59 -0.37 -11.16
CA ASN A 286 23.22 0.13 -11.12
C ASN A 286 22.21 -0.99 -10.79
N ALA A 287 22.38 -2.16 -11.42
CA ALA A 287 21.49 -3.31 -11.15
C ALA A 287 21.63 -3.81 -9.71
N VAL A 288 22.87 -3.93 -9.21
CA VAL A 288 23.08 -4.36 -7.83
C VAL A 288 22.40 -3.42 -6.83
N GLU A 289 22.53 -2.12 -7.05
CA GLU A 289 22.04 -1.14 -6.08
C GLU A 289 20.51 -1.12 -6.07
N PHE A 290 19.89 -1.11 -7.25
CA PHE A 290 18.44 -1.10 -7.32
C PHE A 290 17.81 -2.39 -6.83
N ALA A 291 18.39 -3.53 -7.20
CA ALA A 291 17.91 -4.81 -6.72
C ALA A 291 18.07 -4.93 -5.20
N HIS A 292 19.17 -4.43 -4.67
CA HIS A 292 19.39 -4.36 -3.23
C HIS A 292 18.31 -3.56 -2.50
N HIS A 293 18.16 -2.31 -2.86
CA HIS A 293 17.12 -1.48 -2.25
C HIS A 293 15.75 -2.10 -2.52
N GLY A 294 15.58 -2.66 -3.71
CA GLY A 294 14.35 -3.34 -4.10
C GLY A 294 13.86 -4.40 -3.13
N VAL A 295 14.77 -5.16 -2.52
CA VAL A 295 14.36 -6.23 -1.61
C VAL A 295 14.42 -5.83 -0.13
N PHE A 296 15.33 -4.91 0.21
CA PHE A 296 15.58 -4.54 1.62
C PHE A 296 14.81 -3.32 2.10
N TYR A 297 14.11 -2.63 1.21
CA TYR A 297 13.40 -1.42 1.60
C TYR A 297 12.39 -1.71 2.72
N HIS A 298 12.40 -0.84 3.73
CA HIS A 298 11.52 -0.97 4.91
C HIS A 298 11.55 -2.41 5.48
N GLN A 299 12.77 -2.90 5.68
CA GLN A 299 12.98 -4.22 6.29
C GLN A 299 12.31 -5.32 5.45
N GLY A 300 12.28 -5.13 4.13
CA GLY A 300 11.62 -6.07 3.23
C GLY A 300 10.11 -6.11 3.29
N GLN A 301 9.49 -5.14 3.94
CA GLN A 301 8.06 -5.20 4.20
C GLN A 301 7.29 -4.41 3.14
N CYS A 302 7.55 -4.76 1.88
CA CYS A 302 6.92 -4.12 0.73
C CYS A 302 6.36 -5.20 -0.18
N CYS A 303 5.11 -5.02 -0.58
CA CYS A 303 4.48 -5.88 -1.57
C CYS A 303 5.34 -6.10 -2.83
N ILE A 304 6.04 -5.05 -3.27
CA ILE A 304 6.85 -5.13 -4.49
C ILE A 304 8.29 -5.58 -4.27
N ALA A 305 8.62 -6.09 -3.09
CA ALA A 305 9.97 -6.58 -2.80
C ALA A 305 10.54 -7.38 -3.97
N ALA A 306 11.75 -7.04 -4.40
CA ALA A 306 12.42 -7.77 -5.51
C ALA A 306 13.01 -9.06 -4.97
N SER A 307 12.12 -10.01 -4.70
CA SER A 307 12.47 -11.17 -3.89
C SER A 307 12.95 -12.39 -4.69
N ARG A 308 13.09 -12.24 -6.00
CA ARG A 308 13.77 -13.23 -6.83
C ARG A 308 14.63 -12.50 -7.86
N ILE A 309 15.94 -12.55 -7.70
CA ILE A 309 16.83 -11.87 -8.63
C ILE A 309 17.55 -12.89 -9.51
N PHE A 310 17.21 -12.89 -10.80
CA PHE A 310 17.77 -13.83 -11.77
C PHE A 310 18.89 -13.11 -12.54
N VAL A 311 20.11 -13.63 -12.47
CA VAL A 311 21.25 -12.96 -13.06
C VAL A 311 21.92 -13.89 -14.06
N GLU A 312 22.28 -13.36 -15.23
CA GLU A 312 22.86 -14.19 -16.28
C GLU A 312 24.17 -14.79 -15.77
N GLU A 313 24.42 -16.06 -16.09
CA GLU A 313 25.55 -16.83 -15.55
C GLU A 313 26.89 -16.13 -15.51
N SER A 314 27.26 -15.45 -16.60
CA SER A 314 28.59 -14.87 -16.72
C SER A 314 28.87 -13.71 -15.76
N ILE A 315 27.82 -13.05 -15.27
CA ILE A 315 27.98 -11.96 -14.29
C ILE A 315 27.41 -12.31 -12.91
N TYR A 316 26.94 -13.55 -12.74
CA TYR A 316 26.29 -13.99 -11.51
C TYR A 316 27.20 -13.88 -10.27
N ASP A 317 28.41 -14.43 -10.36
CA ASP A 317 29.34 -14.40 -9.22
C ASP A 317 29.69 -12.97 -8.77
N GLU A 318 29.92 -12.11 -9.75
CA GLU A 318 30.24 -10.72 -9.48
C GLU A 318 29.02 -10.00 -8.89
N PHE A 319 27.83 -10.33 -9.37
CA PHE A 319 26.60 -9.78 -8.82
C PHE A 319 26.40 -10.18 -7.36
N VAL A 320 26.60 -11.46 -7.06
CA VAL A 320 26.42 -11.95 -5.70
C VAL A 320 27.42 -11.26 -4.77
N ARG A 321 28.70 -11.27 -5.13
CA ARG A 321 29.73 -10.61 -4.33
C ARG A 321 29.37 -9.16 -3.99
N ARG A 322 29.01 -8.39 -5.02
CA ARG A 322 28.69 -6.97 -4.84
C ARG A 322 27.43 -6.77 -4.00
N SER A 323 26.46 -7.67 -4.17
CA SER A 323 25.25 -7.65 -3.37
C SER A 323 25.54 -7.91 -1.89
N VAL A 324 26.33 -8.94 -1.63
CA VAL A 324 26.68 -9.30 -0.24
C VAL A 324 27.41 -8.14 0.46
N GLU A 325 28.35 -7.50 -0.22
CA GLU A 325 29.05 -6.36 0.38
C GLU A 325 28.16 -5.17 0.69
N ARG A 326 27.14 -4.93 -0.14
CA ARG A 326 26.15 -3.91 0.15
C ARG A 326 25.28 -4.30 1.36
N ALA A 327 24.89 -5.57 1.44
CA ALA A 327 24.03 -6.05 2.53
C ALA A 327 24.73 -6.08 3.90
N LYS A 328 26.06 -6.14 3.91
CA LYS A 328 26.82 -6.19 5.16
C LYS A 328 27.07 -4.79 5.78
N LYS A 329 26.49 -3.75 5.19
CA LYS A 329 26.76 -2.38 5.61
C LYS A 329 25.69 -1.73 6.51
N TYR A 330 24.66 -2.48 6.88
CA TYR A 330 23.58 -1.92 7.67
C TYR A 330 23.94 -1.74 9.14
N ILE A 331 23.28 -0.76 9.74
CA ILE A 331 23.36 -0.50 11.14
C ILE A 331 21.95 -0.66 11.69
N LEU A 332 21.76 -1.70 12.50
CA LEU A 332 20.47 -2.01 13.09
C LEU A 332 20.28 -1.21 14.37
N GLY A 333 19.03 -0.82 14.64
CA GLY A 333 18.70 -0.12 15.86
C GLY A 333 17.35 0.57 15.82
N ASN A 334 17.17 1.47 16.78
CA ASN A 334 15.94 2.23 16.89
C ASN A 334 15.81 3.13 15.65
N PRO A 335 14.67 3.03 14.93
CA PRO A 335 14.56 3.80 13.68
C PRO A 335 14.56 5.34 13.84
N LEU A 336 14.46 5.84 15.08
CA LEU A 336 14.56 7.26 15.37
C LEU A 336 16.01 7.82 15.45
N THR A 337 17.00 6.98 15.67
CA THR A 337 18.37 7.45 15.88
C THR A 337 19.08 7.74 14.55
N PRO A 338 19.66 8.95 14.37
CA PRO A 338 20.28 9.22 13.06
C PRO A 338 21.42 8.25 12.73
N GLY A 339 21.57 7.89 11.45
CA GLY A 339 22.62 6.95 11.05
C GLY A 339 22.23 5.47 11.10
N VAL A 340 21.23 5.13 11.93
CA VAL A 340 20.64 3.78 11.91
C VAL A 340 19.98 3.56 10.55
N THR A 341 20.24 2.40 9.94
CA THR A 341 19.77 2.12 8.58
C THR A 341 18.90 0.86 8.44
N GLN A 342 18.55 0.20 9.54
CA GLN A 342 17.57 -0.87 9.52
C GLN A 342 16.83 -0.96 10.86
N GLY A 343 15.51 -0.82 10.78
CA GLY A 343 14.63 -0.95 11.93
C GLY A 343 14.15 -2.37 12.12
N PRO A 344 13.18 -2.57 13.02
CA PRO A 344 12.61 -3.89 13.31
C PRO A 344 11.53 -4.30 12.31
N GLN A 345 11.13 -5.57 12.36
CA GLN A 345 9.90 -6.04 11.71
C GLN A 345 8.73 -5.58 12.56
N ILE A 346 7.52 -5.59 11.99
CA ILE A 346 6.34 -5.01 12.65
C ILE A 346 5.86 -5.72 13.92
N ASP A 347 5.92 -7.04 13.97
CA ASP A 347 5.37 -7.78 15.11
C ASP A 347 5.85 -9.22 15.13
N LYS A 348 5.39 -9.96 16.13
CA LYS A 348 5.82 -11.33 16.38
C LYS A 348 5.44 -12.30 15.26
N GLU A 349 4.20 -12.26 14.79
CA GLU A 349 3.75 -13.14 13.71
C GLU A 349 4.66 -13.00 12.49
N GLN A 350 4.90 -11.76 12.07
CA GLN A 350 5.77 -11.49 10.92
C GLN A 350 7.20 -11.93 11.19
N TYR A 351 7.67 -11.64 12.40
CA TYR A 351 9.00 -12.05 12.85
C TYR A 351 9.14 -13.58 12.79
N ASP A 352 8.14 -14.31 13.30
CA ASP A 352 8.19 -15.78 13.30
C ASP A 352 8.20 -16.34 11.88
N LYS A 353 7.31 -15.82 11.03
CA LYS A 353 7.20 -16.24 9.62
C LYS A 353 8.53 -16.08 8.88
N ILE A 354 9.18 -14.94 9.11
CA ILE A 354 10.46 -14.63 8.46
C ILE A 354 11.54 -15.63 8.89
N LEU A 355 11.64 -15.84 10.20
CA LEU A 355 12.64 -16.76 10.74
C LEU A 355 12.39 -18.20 10.28
N ASP A 356 11.13 -18.60 10.22
CA ASP A 356 10.78 -19.93 9.72
C ASP A 356 11.22 -20.08 8.26
N LEU A 357 10.96 -19.06 7.44
CA LEU A 357 11.35 -19.10 6.02
C LEU A 357 12.87 -19.11 5.84
N ILE A 358 13.59 -18.32 6.64
CA ILE A 358 15.05 -18.32 6.60
C ILE A 358 15.59 -19.71 6.91
N GLU A 359 14.94 -20.41 7.84
CA GLU A 359 15.35 -21.77 8.17
C GLU A 359 15.13 -22.76 7.04
N SER A 360 14.04 -22.58 6.29
CA SER A 360 13.80 -23.42 5.12
C SER A 360 14.90 -23.25 4.08
N GLY A 361 15.34 -22.01 3.84
CA GLY A 361 16.45 -21.74 2.92
C GLY A 361 17.71 -22.50 3.26
N LYS A 362 18.07 -22.47 4.53
CA LYS A 362 19.22 -23.24 5.01
C LYS A 362 18.99 -24.74 4.79
N LYS A 363 17.84 -25.24 5.24
CA LYS A 363 17.54 -26.67 5.25
C LYS A 363 17.30 -27.24 3.85
N GLU A 364 16.77 -26.42 2.93
CA GLU A 364 16.53 -26.87 1.56
C GLU A 364 17.76 -26.70 0.67
N GLY A 365 18.84 -26.16 1.22
CA GLY A 365 20.13 -26.15 0.55
C GLY A 365 20.49 -24.91 -0.24
N ALA A 366 19.90 -23.77 0.10
CA ALA A 366 20.35 -22.49 -0.46
C ALA A 366 21.66 -22.12 0.20
N LYS A 367 22.50 -21.33 -0.49
CA LYS A 367 23.79 -20.92 0.07
C LYS A 367 23.66 -19.60 0.84
N LEU A 368 23.87 -19.64 2.15
CA LEU A 368 23.76 -18.44 2.98
C LEU A 368 25.01 -17.60 2.83
N GLU A 369 24.86 -16.39 2.32
CA GLU A 369 26.00 -15.49 2.11
C GLU A 369 26.25 -14.57 3.30
N CYS A 370 25.18 -14.17 3.99
CA CYS A 370 25.28 -13.37 5.21
C CYS A 370 23.92 -13.36 5.93
N GLY A 371 23.93 -12.93 7.18
CA GLY A 371 22.73 -12.92 8.02
C GLY A 371 22.28 -14.30 8.43
N GLY A 372 20.95 -14.49 8.51
CA GLY A 372 20.39 -15.82 8.78
C GLY A 372 19.83 -16.05 10.18
N GLY A 373 19.75 -15.00 10.99
CA GLY A 373 19.25 -15.11 12.35
C GLY A 373 18.69 -13.79 12.88
N PRO A 374 18.24 -13.79 14.14
CA PRO A 374 17.73 -12.58 14.79
C PRO A 374 18.86 -11.66 15.26
N TRP A 375 18.49 -10.50 15.80
CA TRP A 375 19.45 -9.54 16.33
C TRP A 375 18.85 -8.82 17.52
N GLY A 376 19.66 -8.60 18.56
CA GLY A 376 19.26 -7.75 19.69
C GLY A 376 18.58 -8.48 20.83
N ASN A 377 18.42 -7.78 21.95
CA ASN A 377 17.72 -8.31 23.13
C ASN A 377 16.28 -7.84 23.23
N LYS A 378 15.93 -6.81 22.46
CA LYS A 378 14.57 -6.31 22.37
C LYS A 378 14.30 -5.92 20.93
N GLY A 379 13.02 -5.95 20.55
CA GLY A 379 12.59 -5.55 19.22
C GLY A 379 12.50 -6.74 18.27
N TYR A 380 11.80 -6.58 17.15
CA TYR A 380 11.62 -7.71 16.24
C TYR A 380 12.62 -7.63 15.08
N PHE A 381 13.92 -7.60 15.41
CA PHE A 381 14.98 -7.42 14.43
C PHE A 381 15.46 -8.72 13.79
N VAL A 382 15.66 -8.67 12.48
CA VAL A 382 16.22 -9.78 11.73
C VAL A 382 17.46 -9.30 11.00
N GLN A 383 18.53 -10.07 11.06
CA GLN A 383 19.74 -9.71 10.35
C GLN A 383 19.41 -9.70 8.87
N PRO A 384 19.94 -8.71 8.12
CA PRO A 384 19.74 -8.73 6.68
C PRO A 384 20.43 -9.95 6.06
N THR A 385 19.68 -10.68 5.27
CA THR A 385 20.06 -12.01 4.87
C THR A 385 20.13 -12.10 3.35
N VAL A 386 21.19 -12.74 2.85
CA VAL A 386 21.32 -13.02 1.42
C VAL A 386 21.52 -14.52 1.21
N PHE A 387 20.76 -15.06 0.26
CA PHE A 387 20.90 -16.44 -0.19
C PHE A 387 21.26 -16.45 -1.67
N SER A 388 22.30 -17.19 -2.03
CA SER A 388 22.61 -17.46 -3.43
C SER A 388 22.38 -18.93 -3.74
N ASN A 389 22.45 -19.28 -5.03
CA ASN A 389 22.13 -20.61 -5.54
C ASN A 389 20.74 -21.10 -5.14
N VAL A 390 19.77 -20.18 -5.17
CA VAL A 390 18.39 -20.50 -4.85
C VAL A 390 17.78 -21.14 -6.07
N THR A 391 16.95 -22.15 -5.87
CA THR A 391 16.25 -22.81 -6.98
C THR A 391 14.76 -22.63 -6.82
N ASP A 392 14.04 -22.85 -7.91
CA ASP A 392 12.65 -22.40 -8.05
C ASP A 392 11.67 -23.13 -7.13
N GLU A 393 12.05 -24.32 -6.67
CA GLU A 393 11.19 -25.13 -5.82
C GLU A 393 11.33 -24.79 -4.33
N MET A 394 12.37 -24.03 -3.97
CA MET A 394 12.61 -23.69 -2.57
C MET A 394 11.49 -22.81 -2.02
N ARG A 395 11.19 -22.98 -0.74
CA ARG A 395 10.18 -22.15 -0.07
C ARG A 395 10.51 -20.66 -0.21
N ILE A 396 11.77 -20.31 0.04
CA ILE A 396 12.20 -18.90 -0.12
C ILE A 396 12.06 -18.33 -1.55
N ALA A 397 11.92 -19.19 -2.56
CA ALA A 397 11.66 -18.76 -3.94
C ALA A 397 10.17 -18.68 -4.30
N LYS A 398 9.31 -19.34 -3.51
CA LYS A 398 7.88 -19.38 -3.80
C LYS A 398 7.03 -18.49 -2.88
N GLU A 399 7.41 -18.38 -1.61
CA GLU A 399 6.60 -17.67 -0.63
C GLU A 399 7.09 -16.24 -0.39
N GLU A 400 6.14 -15.31 -0.32
CA GLU A 400 6.45 -13.93 0.07
C GLU A 400 7.00 -13.95 1.49
N ILE A 401 8.23 -13.49 1.67
CA ILE A 401 8.89 -13.51 2.99
C ILE A 401 8.44 -12.28 3.79
N PHE A 402 8.45 -11.13 3.14
CA PHE A 402 8.09 -9.86 3.77
C PHE A 402 9.10 -9.52 4.87
N GLY A 403 10.37 -9.82 4.58
CA GLY A 403 11.47 -9.59 5.51
C GLY A 403 12.76 -9.28 4.76
N PRO A 404 13.83 -8.94 5.49
CA PRO A 404 15.08 -8.56 4.83
C PRO A 404 15.85 -9.81 4.37
N VAL A 405 15.37 -10.41 3.28
CA VAL A 405 15.90 -11.69 2.81
C VAL A 405 15.93 -11.66 1.28
N GLN A 406 17.13 -11.65 0.74
CA GLN A 406 17.37 -11.52 -0.69
C GLN A 406 17.70 -12.90 -1.28
N GLN A 407 17.01 -13.24 -2.38
CA GLN A 407 17.26 -14.48 -3.15
C GLN A 407 17.93 -14.14 -4.47
N ILE A 408 19.06 -14.80 -4.76
CA ILE A 408 19.77 -14.59 -6.03
C ILE A 408 19.94 -15.93 -6.75
N MET A 409 19.48 -15.96 -8.00
CA MET A 409 19.45 -17.16 -8.83
C MET A 409 20.17 -16.88 -10.14
N LYS A 410 20.64 -17.94 -10.80
CA LYS A 410 21.35 -17.80 -12.06
C LYS A 410 20.46 -18.28 -13.22
N PHE A 411 20.73 -17.76 -14.41
CA PHE A 411 20.13 -18.30 -15.62
C PHE A 411 21.13 -18.19 -16.77
N LYS A 412 20.94 -19.04 -17.78
CA LYS A 412 21.68 -18.95 -19.04
C LYS A 412 20.75 -18.64 -20.21
N SER A 413 19.50 -19.11 -20.15
CA SER A 413 18.53 -18.93 -21.23
C SER A 413 17.45 -17.89 -20.94
N LEU A 414 17.37 -16.89 -21.80
CA LEU A 414 16.38 -15.82 -21.64
C LEU A 414 14.95 -16.34 -21.77
N ASP A 415 14.68 -17.20 -22.76
CA ASP A 415 13.37 -17.86 -22.87
C ASP A 415 12.96 -18.49 -21.55
N ASP A 416 13.88 -19.29 -20.99
CA ASP A 416 13.62 -20.04 -19.78
C ASP A 416 13.40 -19.13 -18.57
N VAL A 417 14.20 -18.08 -18.45
CA VAL A 417 14.12 -17.22 -17.27
C VAL A 417 12.81 -16.39 -17.24
N ILE A 418 12.30 -16.00 -18.42
CA ILE A 418 11.00 -15.35 -18.48
C ILE A 418 9.92 -16.31 -18.00
N LYS A 419 9.98 -17.58 -18.41
CA LYS A 419 9.03 -18.57 -17.93
C LYS A 419 9.11 -18.72 -16.43
N ARG A 420 10.34 -18.75 -15.90
CA ARG A 420 10.55 -18.89 -14.47
C ARG A 420 10.04 -17.66 -13.73
N ALA A 421 10.34 -16.48 -14.29
CA ALA A 421 9.85 -15.23 -13.73
C ALA A 421 8.32 -15.23 -13.64
N ASN A 422 7.67 -15.72 -14.70
CA ASN A 422 6.22 -15.77 -14.78
C ASN A 422 5.58 -16.94 -14.09
N ASN A 423 6.39 -17.90 -13.67
CA ASN A 423 5.86 -19.11 -13.09
C ASN A 423 5.56 -18.95 -11.60
N THR A 424 4.51 -18.18 -11.32
CA THR A 424 4.10 -17.83 -9.96
C THR A 424 2.64 -17.39 -10.05
N PHE A 425 1.89 -17.56 -8.97
CA PHE A 425 0.52 -17.03 -8.94
C PHE A 425 0.50 -15.53 -8.69
N TYR A 426 1.65 -14.97 -8.28
CA TYR A 426 1.79 -13.55 -8.03
C TYR A 426 2.06 -12.83 -9.36
N GLY A 427 2.05 -11.51 -9.31
CA GLY A 427 2.23 -10.71 -10.52
C GLY A 427 2.19 -9.21 -10.26
N LEU A 428 2.79 -8.74 -9.18
CA LEU A 428 2.69 -7.32 -8.84
C LEU A 428 3.67 -6.42 -9.61
N SER A 429 4.92 -6.85 -9.71
CA SER A 429 5.94 -6.04 -10.36
C SER A 429 7.10 -6.89 -10.84
N ALA A 430 8.01 -6.26 -11.56
CA ALA A 430 9.20 -6.90 -12.08
C ALA A 430 10.21 -5.84 -12.52
N GLY A 431 11.47 -6.26 -12.60
CA GLY A 431 12.55 -5.40 -13.05
C GLY A 431 13.35 -6.07 -14.13
N VAL A 432 13.77 -5.29 -15.12
CA VAL A 432 14.59 -5.76 -16.23
C VAL A 432 15.79 -4.83 -16.33
N PHE A 433 16.99 -5.39 -16.30
CA PHE A 433 18.22 -4.61 -16.39
C PHE A 433 19.01 -5.04 -17.61
N THR A 434 19.12 -4.14 -18.57
CA THR A 434 19.78 -4.40 -19.85
C THR A 434 20.09 -3.05 -20.52
N LYS A 435 21.06 -3.06 -21.43
CA LYS A 435 21.34 -1.92 -22.28
C LYS A 435 20.73 -2.09 -23.67
N ASP A 436 20.01 -3.18 -23.90
CA ASP A 436 19.46 -3.49 -25.22
C ASP A 436 18.02 -3.01 -25.32
N ILE A 437 17.79 -2.08 -26.24
CA ILE A 437 16.48 -1.47 -26.46
C ILE A 437 15.45 -2.54 -26.75
N ASP A 438 15.77 -3.42 -27.68
CA ASP A 438 14.80 -4.46 -28.08
C ASP A 438 14.45 -5.37 -26.90
N LYS A 439 15.45 -5.77 -26.13
CA LYS A 439 15.24 -6.63 -24.98
C LYS A 439 14.41 -5.90 -23.93
N ALA A 440 14.69 -4.61 -23.71
CA ALA A 440 13.95 -3.86 -22.70
C ALA A 440 12.45 -3.89 -23.04
N ILE A 441 12.12 -3.59 -24.29
CA ILE A 441 10.72 -3.55 -24.72
C ILE A 441 10.10 -4.96 -24.75
N THR A 442 10.77 -5.93 -25.36
CA THR A 442 10.18 -7.27 -25.47
C THR A 442 10.08 -8.02 -24.14
N ILE A 443 11.09 -7.90 -23.27
CA ILE A 443 11.00 -8.56 -21.96
C ILE A 443 9.90 -7.95 -21.11
N SER A 444 9.85 -6.62 -21.07
CA SER A 444 8.83 -5.96 -20.27
C SER A 444 7.41 -6.30 -20.77
N SER A 445 7.23 -6.46 -22.08
CA SER A 445 5.94 -6.90 -22.62
C SER A 445 5.57 -8.33 -22.22
N ALA A 446 6.58 -9.19 -22.12
CA ALA A 446 6.36 -10.62 -21.85
C ALA A 446 6.18 -10.93 -20.36
N LEU A 447 6.60 -10.04 -19.47
CA LEU A 447 6.48 -10.30 -18.04
C LEU A 447 5.04 -10.08 -17.57
N GLN A 448 4.53 -11.03 -16.79
CA GLN A 448 3.17 -10.95 -16.29
C GLN A 448 3.13 -10.23 -14.94
N ALA A 449 3.33 -8.91 -15.00
CA ALA A 449 3.47 -8.09 -13.81
C ALA A 449 2.87 -6.71 -14.06
N GLY A 450 2.25 -6.16 -13.02
CA GLY A 450 1.54 -4.89 -13.13
C GLY A 450 2.41 -3.68 -13.41
N THR A 451 3.55 -3.62 -12.75
CA THR A 451 4.56 -2.61 -13.05
C THR A 451 5.89 -3.29 -13.40
N VAL A 452 6.47 -2.89 -14.52
CA VAL A 452 7.79 -3.33 -14.90
C VAL A 452 8.76 -2.15 -14.95
N TRP A 453 9.81 -2.22 -14.14
CA TRP A 453 10.87 -1.22 -14.16
C TRP A 453 12.01 -1.67 -15.07
N VAL A 454 12.56 -0.72 -15.83
CA VAL A 454 13.69 -0.97 -16.71
C VAL A 454 14.87 -0.13 -16.23
N ASN A 455 15.93 -0.83 -15.86
CA ASN A 455 17.16 -0.23 -15.30
C ASN A 455 16.94 0.59 -14.01
N CYS A 456 15.88 0.22 -13.30
CA CYS A 456 15.58 0.77 -11.99
C CYS A 456 14.63 -0.20 -11.29
N TYR A 457 14.19 0.18 -10.10
CA TYR A 457 13.29 -0.66 -9.33
C TYR A 457 12.65 0.20 -8.24
N GLY A 458 11.39 -0.11 -7.95
CA GLY A 458 10.69 0.51 -6.82
C GLY A 458 10.32 1.97 -7.02
N VAL A 459 10.20 2.39 -8.28
CA VAL A 459 9.85 3.77 -8.63
C VAL A 459 8.33 3.87 -8.77
N VAL A 460 7.71 4.52 -7.80
CA VAL A 460 6.26 4.58 -7.68
C VAL A 460 5.91 6.05 -7.55
N SER A 461 4.93 6.51 -8.32
CA SER A 461 4.55 7.92 -8.27
C SER A 461 3.05 8.03 -8.42
N ALA A 462 2.49 9.16 -7.96
CA ALA A 462 1.04 9.38 -8.00
C ALA A 462 0.45 9.36 -9.41
N GLN A 463 1.29 9.66 -10.41
CA GLN A 463 0.84 9.83 -11.77
C GLN A 463 0.62 8.50 -12.48
N CYS A 464 1.17 7.41 -11.93
CA CYS A 464 1.18 6.06 -12.54
C CYS A 464 0.19 5.13 -11.89
N PRO A 465 -0.58 4.38 -12.69
CA PRO A 465 -1.41 3.37 -12.07
C PRO A 465 -0.55 2.24 -11.50
N PHE A 466 -1.02 1.66 -10.40
CA PHE A 466 -0.26 0.66 -9.68
C PHE A 466 -1.20 -0.47 -9.27
N GLY A 467 -0.79 -1.71 -9.51
CA GLY A 467 -1.59 -2.86 -9.09
C GLY A 467 -1.08 -4.13 -9.72
N GLY A 468 -1.70 -5.24 -9.36
CA GLY A 468 -1.21 -6.56 -9.72
C GLY A 468 -1.92 -7.27 -10.86
N PHE A 469 -1.14 -8.10 -11.55
CA PHE A 469 -1.66 -9.17 -12.38
C PHE A 469 -1.93 -10.35 -11.44
N LYS A 470 -2.80 -11.25 -11.88
CA LYS A 470 -3.00 -12.54 -11.21
C LYS A 470 -3.40 -12.38 -9.75
N MET A 471 -2.83 -13.20 -8.86
CA MET A 471 -3.26 -13.16 -7.48
C MET A 471 -2.58 -12.05 -6.66
N SER A 472 -1.85 -11.14 -7.31
CA SER A 472 -1.32 -9.97 -6.62
C SER A 472 -2.33 -8.82 -6.53
N GLY A 473 -3.52 -8.98 -7.07
CA GLY A 473 -4.55 -7.97 -6.95
C GLY A 473 -5.55 -7.90 -8.07
N ASN A 474 -6.58 -7.08 -7.84
CA ASN A 474 -7.64 -6.78 -8.80
C ASN A 474 -7.72 -5.26 -8.79
N GLY A 475 -7.69 -4.66 -9.97
CA GLY A 475 -7.82 -3.19 -10.08
C GLY A 475 -6.49 -2.47 -10.03
N ARG A 476 -6.57 -1.15 -10.18
CA ARG A 476 -5.40 -0.28 -10.12
C ARG A 476 -5.65 0.91 -9.21
N GLU A 477 -4.60 1.38 -8.57
CA GLU A 477 -4.68 2.59 -7.78
C GLU A 477 -3.84 3.66 -8.41
N LEU A 478 -4.30 4.89 -8.23
CA LEU A 478 -3.59 6.08 -8.67
C LEU A 478 -3.52 6.18 -10.18
N GLY A 479 -2.91 7.26 -10.66
CA GLY A 479 -2.96 7.63 -12.07
C GLY A 479 -4.40 7.96 -12.48
N GLU A 480 -4.58 8.29 -13.76
CA GLU A 480 -5.89 8.47 -14.32
C GLU A 480 -6.73 7.19 -14.21
N TYR A 481 -6.10 6.05 -14.48
CA TYR A 481 -6.83 4.78 -14.55
C TYR A 481 -7.38 4.36 -13.19
N GLY A 482 -6.63 4.64 -12.14
CA GLY A 482 -7.04 4.30 -10.79
C GLY A 482 -8.31 4.98 -10.35
N PHE A 483 -8.56 6.19 -10.86
CA PHE A 483 -9.78 6.90 -10.50
C PHE A 483 -11.04 6.18 -11.00
N HIS A 484 -10.92 5.31 -12.00
CA HIS A 484 -12.06 4.57 -12.51
C HIS A 484 -12.76 3.70 -11.48
N GLU A 485 -12.01 3.04 -10.63
CA GLU A 485 -12.61 2.12 -9.67
C GLU A 485 -13.25 2.82 -8.46
N TYR A 486 -13.22 4.14 -8.44
CA TYR A 486 -14.00 4.91 -7.47
C TYR A 486 -15.18 5.65 -8.07
N THR A 487 -15.50 5.35 -9.32
CA THR A 487 -16.73 5.86 -9.91
C THR A 487 -17.66 4.73 -10.36
N GLU A 488 -18.94 5.08 -10.49
CA GLU A 488 -19.96 4.19 -11.01
C GLU A 488 -20.58 4.90 -12.20
N VAL A 489 -20.56 4.27 -13.37
CA VAL A 489 -21.06 4.90 -14.58
C VAL A 489 -22.56 4.70 -14.75
N LYS A 490 -23.26 5.80 -14.93
CA LYS A 490 -24.68 5.82 -15.23
C LYS A 490 -24.88 6.39 -16.63
N THR A 491 -25.62 5.66 -17.45
CA THR A 491 -25.99 6.09 -18.78
C THR A 491 -27.40 6.67 -18.70
N VAL A 492 -27.55 7.87 -19.25
CA VAL A 492 -28.85 8.50 -19.36
C VAL A 492 -29.18 8.70 -20.83
N THR A 493 -30.32 8.16 -21.23
CA THR A 493 -30.73 8.19 -22.63
C THR A 493 -32.11 8.85 -22.74
N VAL A 494 -32.14 9.97 -23.47
CA VAL A 494 -33.29 10.84 -23.59
C VAL A 494 -33.88 10.78 -24.99
N LYS A 495 -35.16 10.45 -25.10
CA LYS A 495 -35.88 10.51 -26.37
C LYS A 495 -35.95 11.94 -26.89
N ILE A 496 -35.57 12.12 -28.16
CA ILE A 496 -35.70 13.42 -28.81
C ILE A 496 -36.39 13.25 -30.17
N SER A 497 -36.97 14.33 -30.68
CA SER A 497 -37.70 14.28 -31.93
C SER A 497 -36.76 13.96 -33.11
N GLN A 498 -35.62 14.62 -33.16
CA GLN A 498 -34.62 14.41 -34.20
C GLN A 498 -33.23 14.76 -33.73
N LYS A 499 -32.29 13.84 -33.91
CA LYS A 499 -30.91 14.13 -33.57
C LYS A 499 -30.14 14.63 -34.78
N ASN A 500 -29.10 15.42 -34.52
CA ASN A 500 -28.18 15.86 -35.54
C ASN A 500 -26.77 15.68 -35.01
N SER A 501 -25.85 15.35 -35.90
CA SER A 501 -24.47 15.09 -35.50
C SER A 501 -23.82 16.33 -34.83
YB YB B . 12.43 -11.97 22.71
C1 3SR C . 9.58 0.04 -2.21
C2 3SR C . 9.54 1.49 -2.01
C3 3SR C . 10.67 2.33 -2.42
C5 3SR C . 11.80 0.40 -3.21
C16 3SR C . 5.04 0.92 -1.81
C17 3SR C . 5.11 -0.33 -0.95
C18 3SR C . 4.29 0.62 -3.12
C19 3SR C . 8.37 4.80 -1.02
C21 3SR C . 5.97 5.49 -0.63
O32 3SR C . 3.15 7.83 -2.43
C26 3SR C . 4.28 7.77 -2.89
C27 3SR C . 4.61 8.86 -3.90
O31 3SR C . 5.92 9.07 -4.22
C30 3SR C . 5.95 10.11 -5.12
C29 3SR C . 4.65 10.54 -5.35
C28 3SR C . 3.80 9.76 -4.58
N23 3SR C . 5.15 6.80 -2.49
C22 3SR C . 5.55 6.89 -1.09
C24 3SR C . 6.32 6.51 -3.33
C25 3SR C . 6.80 5.10 -2.97
N20 3SR C . 7.01 5.00 -1.53
C8 3SR C . 9.08 3.56 -1.52
N7 3SR C . 8.61 2.28 -1.46
C14 3SR C . 7.33 1.81 -0.94
C15 3SR C . 6.42 1.50 -2.13
N9 3SR C . 10.33 3.60 -2.10
N4 3SR C . 11.76 1.82 -3.01
C12 3SR C . 12.86 2.69 -3.41
O11 3SR C . 12.79 -0.14 -3.74
N6 3SR C . 10.75 -0.48 -2.81
C13 3SR C . 10.88 -1.92 -3.06
O10 3SR C . 8.65 -0.72 -1.86
CL CL D . -18.60 6.62 -20.19
YB YB E . -1.97 -10.87 16.91
#